data_9CBD
#
_entry.id   9CBD
#
_cell.length_a   58.579
_cell.length_b   105.932
_cell.length_c   114.048
_cell.angle_alpha   90.00
_cell.angle_beta   90.00
_cell.angle_gamma   90.00
#
_symmetry.space_group_name_H-M   'P 21 21 21'
#
loop_
_entity.id
_entity.type
_entity.pdbx_description
1 polymer 'Narbonolide/10-deoxymethynolide synthase PikA4, module 6'
2 water water
#
_entity_poly.entity_id   1
_entity_poly.type   'polypeptide(L)'
_entity_poly.pdbx_seq_one_letter_code
;SNAAGMFRALFRQAVEDDRYGEFLDVLAEASAFRPQFASPEACSERLDPVLLAGGPTDRAEGRAVLVGCTGTAANGGPHE
FLRLSTSFQEERDFLAVPLPGYGTGTGTGTALLPADLDTALDAQARAILRAAGDAPVVLLGHSGGALLAHELAFRLERAH
GAPPAGIVLVDPYPPGHQEPIEVWSRQLGEGLFAGELEPMSDARLLAMGRYARFLAGPRPGRSSAPVLLVRASEPLGDWQ
EERGDWRAHWDLPHTVADVPGDHFTMMRDHAPAVAEAVLSWLDAIEGIEGAGK
;
_entity_poly.pdbx_strand_id   A,B
#
# COMPACT_ATOMS: atom_id res chain seq x y z
N ALA A 4 0.55 14.55 7.02
CA ALA A 4 -0.72 14.08 6.51
C ALA A 4 -0.90 12.56 6.65
N GLY A 5 -1.05 11.85 5.52
CA GLY A 5 -1.42 10.45 5.55
C GLY A 5 -0.23 9.51 5.61
N MET A 6 -0.54 8.24 5.86
CA MET A 6 0.52 7.25 6.01
C MET A 6 1.26 7.00 4.69
N PHE A 7 0.56 7.04 3.55
CA PHE A 7 1.24 6.79 2.28
C PHE A 7 2.32 7.82 2.04
N ARG A 8 2.02 9.10 2.31
CA ARG A 8 3.01 10.15 2.15
C ARG A 8 4.23 9.89 3.03
N ALA A 9 4.03 9.58 4.31
CA ALA A 9 5.15 9.30 5.19
C ALA A 9 5.95 8.10 4.71
N LEU A 10 5.26 7.04 4.27
CA LEU A 10 5.98 5.88 3.73
C LEU A 10 6.81 6.26 2.51
N PHE A 11 6.22 7.08 1.65
CA PHE A 11 6.88 7.52 0.43
C PHE A 11 8.13 8.32 0.76
N ARG A 12 8.02 9.27 1.71
CA ARG A 12 9.19 10.04 2.14
C ARG A 12 10.32 9.13 2.61
N GLN A 13 9.99 8.12 3.41
CA GLN A 13 10.99 7.16 3.84
C GLN A 13 11.59 6.43 2.65
N ALA A 14 10.76 6.04 1.68
CA ALA A 14 11.26 5.31 0.52
C ALA A 14 12.25 6.15 -0.29
N VAL A 15 11.96 7.44 -0.47
CA VAL A 15 12.89 8.31 -1.19
C VAL A 15 14.21 8.41 -0.44
N GLU A 16 14.15 8.58 0.88
CA GLU A 16 15.36 8.65 1.70
C GLU A 16 16.22 7.40 1.58
N ASP A 17 15.61 6.24 1.39
CA ASP A 17 16.32 4.97 1.29
C ASP A 17 16.62 4.57 -0.15
N ASP A 18 16.44 5.49 -1.10
CA ASP A 18 16.66 5.25 -2.52
C ASP A 18 15.79 4.09 -3.03
N ARG A 19 14.51 4.12 -2.67
CA ARG A 19 13.58 3.09 -3.11
C ARG A 19 12.31 3.70 -3.69
N TYR A 20 12.47 4.80 -4.43
CA TYR A 20 11.34 5.46 -5.09
C TYR A 20 10.59 4.49 -5.99
N GLY A 21 11.31 3.73 -6.81
CA GLY A 21 10.66 2.86 -7.78
C GLY A 21 9.86 1.75 -7.12
N GLU A 22 10.44 1.10 -6.11
CA GLU A 22 9.70 0.08 -5.39
C GLU A 22 8.43 0.64 -4.76
N PHE A 23 8.50 1.84 -4.22
CA PHE A 23 7.29 2.35 -3.58
C PHE A 23 6.25 2.79 -4.60
N LEU A 24 6.67 3.26 -5.78
CA LEU A 24 5.69 3.54 -6.83
C LEU A 24 4.92 2.27 -7.20
N ASP A 25 5.57 1.11 -7.10
CA ASP A 25 4.87 -0.15 -7.33
C ASP A 25 3.86 -0.45 -6.22
N VAL A 26 4.21 -0.18 -4.97
CA VAL A 26 3.23 -0.38 -3.89
C VAL A 26 2.00 0.50 -4.13
N LEU A 27 2.22 1.73 -4.56
CA LEU A 27 1.10 2.62 -4.85
C LEU A 27 0.23 2.05 -5.96
N ALA A 28 0.84 1.54 -7.04
CA ALA A 28 0.06 0.92 -8.12
C ALA A 28 -0.81 -0.21 -7.60
N GLU A 29 -0.19 -1.17 -6.88
CA GLU A 29 -0.94 -2.30 -6.33
C GLU A 29 -2.05 -1.83 -5.40
N ALA A 30 -1.76 -0.85 -4.53
CA ALA A 30 -2.77 -0.40 -3.59
C ALA A 30 -3.91 0.28 -4.32
N SER A 31 -3.62 0.99 -5.42
CA SER A 31 -4.64 1.78 -6.10
C SER A 31 -5.73 0.93 -6.73
N ALA A 32 -5.50 -0.39 -6.89
CA ALA A 32 -6.53 -1.29 -7.39
C ALA A 32 -7.76 -1.37 -6.46
N PHE A 33 -7.64 -0.94 -5.21
CA PHE A 33 -8.72 -1.03 -4.25
C PHE A 33 -9.44 0.29 -4.05
N ARG A 34 -9.15 1.32 -4.90
CA ARG A 34 -9.95 2.53 -4.92
C ARG A 34 -11.12 2.36 -5.88
N PRO A 35 -12.29 2.91 -5.55
CA PRO A 35 -13.40 2.92 -6.50
C PRO A 35 -12.99 3.46 -7.87
N GLN A 36 -13.49 2.83 -8.92
CA GLN A 36 -13.13 3.19 -10.29
C GLN A 36 -14.32 3.71 -11.08
N PHE A 37 -14.03 4.20 -12.29
CA PHE A 37 -15.03 4.39 -13.33
C PHE A 37 -14.56 3.66 -14.57
N ALA A 38 -15.49 2.99 -15.24
CA ALA A 38 -15.16 2.14 -16.37
C ALA A 38 -15.67 2.71 -17.68
N SER A 39 -16.49 3.75 -17.63
CA SER A 39 -16.99 4.40 -18.81
C SER A 39 -16.66 5.88 -18.73
N PRO A 40 -16.33 6.53 -19.85
CA PRO A 40 -16.11 7.99 -19.82
C PRO A 40 -17.29 8.75 -19.28
N GLU A 41 -18.52 8.27 -19.49
CA GLU A 41 -19.69 8.87 -18.87
C GLU A 41 -19.62 8.76 -17.34
N ALA A 42 -19.21 7.59 -16.84
CA ALA A 42 -19.19 7.32 -15.40
C ALA A 42 -18.16 8.15 -14.65
N CYS A 43 -17.32 8.92 -15.34
CA CYS A 43 -16.32 9.78 -14.70
C CYS A 43 -17.00 10.76 -13.74
N SER A 44 -16.51 10.78 -12.49
CA SER A 44 -17.15 11.59 -11.45
C SER A 44 -17.01 13.08 -11.74
N GLU A 45 -15.78 13.59 -11.73
CA GLU A 45 -15.51 15.01 -11.88
C GLU A 45 -15.65 15.45 -13.33
N ARG A 46 -15.94 16.74 -13.52
CA ARG A 46 -16.05 17.28 -14.86
C ARG A 46 -14.69 17.78 -15.30
N LEU A 47 -14.26 17.32 -16.48
CA LEU A 47 -12.95 17.59 -17.01
C LEU A 47 -12.92 18.84 -17.85
N ASP A 48 -13.79 19.81 -17.54
CA ASP A 48 -13.82 21.15 -18.11
C ASP A 48 -12.40 21.70 -18.21
N PRO A 49 -11.85 21.82 -19.41
CA PRO A 49 -10.52 22.42 -19.56
C PRO A 49 -10.56 23.91 -19.24
N VAL A 50 -9.57 24.36 -18.47
CA VAL A 50 -9.50 25.75 -18.02
C VAL A 50 -8.70 26.57 -19.02
N LEU A 51 -9.24 27.72 -19.41
CA LEU A 51 -8.54 28.63 -20.31
C LEU A 51 -7.54 29.44 -19.50
N LEU A 52 -6.24 29.22 -19.74
CA LEU A 52 -5.20 29.91 -18.99
C LEU A 52 -4.55 31.06 -19.76
N ALA A 53 -4.76 31.13 -21.08
CA ALA A 53 -4.24 32.26 -21.83
C ALA A 53 -5.13 32.40 -23.05
N GLY A 54 -5.26 33.62 -23.55
CA GLY A 54 -6.08 33.91 -24.71
C GLY A 54 -5.22 34.44 -25.84
N GLY A 55 -5.53 34.02 -27.06
CA GLY A 55 -4.83 34.48 -28.23
C GLY A 55 -5.40 35.80 -28.72
N PRO A 56 -4.90 36.27 -29.86
CA PRO A 56 -5.41 37.53 -30.42
C PRO A 56 -6.76 37.34 -31.09
N THR A 57 -7.58 38.38 -30.99
CA THR A 57 -8.91 38.35 -31.60
C THR A 57 -8.80 38.73 -33.07
N ASP A 58 -9.19 37.80 -33.95
CA ASP A 58 -9.08 38.02 -35.39
C ASP A 58 -10.19 38.93 -35.89
N GLU A 61 -7.52 33.12 -39.07
CA GLU A 61 -8.48 32.27 -38.37
C GLU A 61 -8.32 30.82 -38.82
N GLY A 62 -8.64 29.86 -37.94
CA GLY A 62 -8.22 28.50 -38.12
C GLY A 62 -6.89 28.19 -37.46
N ARG A 63 -6.50 28.98 -36.47
CA ARG A 63 -5.27 28.76 -35.75
C ARG A 63 -5.47 27.68 -34.69
N ALA A 64 -4.43 26.88 -34.48
CA ALA A 64 -4.47 25.86 -33.46
C ALA A 64 -4.53 26.48 -32.08
N VAL A 65 -5.26 25.81 -31.18
CA VAL A 65 -5.22 26.08 -29.75
C VAL A 65 -4.32 25.08 -29.06
N LEU A 66 -3.62 25.54 -28.04
CA LEU A 66 -2.76 24.68 -27.24
C LEU A 66 -3.57 24.03 -26.14
N VAL A 67 -3.38 22.74 -25.93
CA VAL A 67 -4.02 22.03 -24.83
C VAL A 67 -2.92 21.45 -23.94
N GLY A 68 -2.87 21.90 -22.70
CA GLY A 68 -1.96 21.36 -21.71
C GLY A 68 -2.50 20.09 -21.07
N CYS A 69 -1.75 19.00 -21.19
CA CYS A 69 -2.14 17.69 -20.65
C CYS A 69 -1.46 17.52 -19.30
N THR A 70 -2.24 17.68 -18.23
CA THR A 70 -1.72 17.58 -16.87
C THR A 70 -0.93 16.29 -16.64
N GLY A 71 0.21 16.42 -15.95
CA GLY A 71 1.09 15.30 -15.68
C GLY A 71 0.63 14.46 -14.50
N THR A 72 1.44 13.45 -14.17
CA THR A 72 1.07 12.47 -13.16
C THR A 72 1.47 12.85 -11.74
N ALA A 73 2.30 13.86 -11.54
CA ALA A 73 2.85 14.14 -10.22
C ALA A 73 1.73 14.37 -9.20
N ALA A 74 1.83 13.70 -8.06
CA ALA A 74 0.85 13.88 -7.00
C ALA A 74 0.83 15.30 -6.44
N ASN A 75 1.92 16.06 -6.60
CA ASN A 75 1.97 17.45 -6.15
C ASN A 75 1.47 18.44 -7.19
N GLY A 76 0.99 17.97 -8.34
CA GLY A 76 0.54 18.82 -9.42
C GLY A 76 -0.91 19.22 -9.31
N GLY A 77 -1.53 19.48 -10.46
CA GLY A 77 -2.87 20.00 -10.52
C GLY A 77 -2.97 21.26 -11.36
N PRO A 78 -3.90 22.15 -10.98
CA PRO A 78 -4.23 23.28 -11.87
C PRO A 78 -3.15 24.36 -11.97
N HIS A 79 -2.20 24.40 -11.03
CA HIS A 79 -1.07 25.32 -11.11
C HIS A 79 0.03 24.88 -12.09
N GLU A 80 -0.04 23.67 -12.67
CA GLU A 80 1.12 23.13 -13.40
C GLU A 80 1.58 24.07 -14.52
N PHE A 81 0.64 24.55 -15.33
CA PHE A 81 0.98 25.30 -16.54
C PHE A 81 0.91 26.81 -16.33
N LEU A 82 0.87 27.27 -15.09
CA LEU A 82 0.61 28.69 -14.87
C LEU A 82 1.74 29.55 -15.41
N ARG A 83 3.00 29.24 -15.08
CA ARG A 83 4.00 30.17 -15.59
C ARG A 83 4.27 29.97 -17.08
N LEU A 84 4.10 28.75 -17.60
CA LEU A 84 4.24 28.57 -19.05
C LEU A 84 3.19 29.38 -19.81
N SER A 85 1.95 29.39 -19.32
CA SER A 85 0.86 29.98 -20.08
C SER A 85 1.00 31.48 -20.25
N THR A 86 1.61 32.20 -19.31
CA THR A 86 1.70 33.65 -19.43
C THR A 86 2.41 34.07 -20.72
N SER A 87 3.37 33.27 -21.22
CA SER A 87 4.02 33.63 -22.48
C SER A 87 3.15 33.40 -23.68
N PHE A 88 2.02 32.70 -23.53
CA PHE A 88 1.11 32.53 -24.64
C PHE A 88 0.04 33.60 -24.68
N GLN A 89 -0.08 34.40 -23.62
CA GLN A 89 -1.09 35.45 -23.61
C GLN A 89 -0.85 36.36 -24.79
N GLU A 90 -1.93 36.72 -25.49
CA GLU A 90 -1.93 37.48 -26.73
C GLU A 90 -1.26 36.75 -27.90
N GLU A 91 -1.05 35.42 -27.79
CA GLU A 91 -0.43 34.62 -28.85
C GLU A 91 -1.23 33.38 -29.23
N ARG A 92 -1.67 32.61 -28.23
CA ARG A 92 -2.40 31.37 -28.47
C ARG A 92 -3.33 31.12 -27.31
N ASP A 93 -4.55 30.67 -27.60
CA ASP A 93 -5.36 30.05 -26.56
C ASP A 93 -4.60 28.89 -25.94
N PHE A 94 -4.58 28.84 -24.61
CA PHE A 94 -3.98 27.73 -23.89
C PHE A 94 -5.02 27.19 -22.91
N LEU A 95 -5.31 25.89 -23.01
CA LEU A 95 -6.28 25.23 -22.16
C LEU A 95 -5.57 24.15 -21.35
N ALA A 96 -5.82 24.08 -20.05
CA ALA A 96 -5.31 22.96 -19.25
C ALA A 96 -6.43 21.96 -19.02
N VAL A 97 -6.22 20.69 -19.39
CA VAL A 97 -7.21 19.64 -19.18
C VAL A 97 -6.81 18.83 -17.96
N PRO A 98 -7.67 18.66 -16.97
CA PRO A 98 -7.31 17.89 -15.78
C PRO A 98 -7.14 16.41 -16.13
N LEU A 99 -6.46 15.70 -15.24
CA LEU A 99 -6.29 14.26 -15.39
C LEU A 99 -7.25 13.54 -14.45
N PRO A 100 -8.13 12.66 -14.94
CA PRO A 100 -9.12 12.01 -14.07
C PRO A 100 -8.51 11.22 -12.93
N GLY A 101 -9.10 11.41 -11.73
CA GLY A 101 -8.65 10.75 -10.53
C GLY A 101 -7.90 11.61 -9.54
N TYR A 102 -7.57 12.87 -9.89
CA TYR A 102 -6.81 13.73 -8.98
C TYR A 102 -7.68 14.75 -8.25
N GLY A 103 -8.96 14.83 -8.58
CA GLY A 103 -9.79 15.94 -8.13
C GLY A 103 -10.41 15.76 -6.75
N THR A 104 -11.34 16.68 -6.45
CA THR A 104 -12.19 16.73 -5.25
C THR A 104 -11.54 16.20 -3.97
N GLY A 109 -15.44 13.75 -0.22
CA GLY A 109 -15.55 13.15 -1.54
C GLY A 109 -14.21 13.02 -2.26
N THR A 110 -13.93 11.82 -2.77
CA THR A 110 -12.69 11.53 -3.48
C THR A 110 -12.99 11.02 -4.89
N ALA A 111 -12.06 11.32 -5.82
CA ALA A 111 -12.31 11.09 -7.23
C ALA A 111 -12.12 9.62 -7.61
N LEU A 112 -12.97 9.15 -8.51
CA LEU A 112 -12.86 7.78 -9.00
C LEU A 112 -11.62 7.64 -9.88
N LEU A 113 -10.96 6.48 -9.79
CA LEU A 113 -9.79 6.26 -10.63
C LEU A 113 -10.23 5.57 -11.93
N PRO A 114 -9.53 5.77 -13.04
CA PRO A 114 -9.91 5.11 -14.29
C PRO A 114 -9.59 3.62 -14.22
N ALA A 115 -10.45 2.82 -14.84
CA ALA A 115 -10.20 1.38 -14.86
C ALA A 115 -8.97 1.06 -15.70
N ASP A 116 -8.78 1.77 -16.81
CA ASP A 116 -7.57 1.68 -17.60
C ASP A 116 -7.32 3.04 -18.25
N LEU A 117 -6.12 3.21 -18.82
CA LEU A 117 -5.73 4.51 -19.35
C LEU A 117 -6.67 4.98 -20.46
N ASP A 118 -7.05 4.07 -21.36
CA ASP A 118 -7.99 4.41 -22.43
C ASP A 118 -9.27 5.05 -21.89
N THR A 119 -9.77 4.57 -20.74
CA THR A 119 -10.96 5.16 -20.17
C THR A 119 -10.72 6.62 -19.80
N ALA A 120 -9.58 6.91 -19.18
CA ALA A 120 -9.28 8.30 -18.83
C ALA A 120 -9.01 9.15 -20.07
N LEU A 121 -8.35 8.58 -21.07
CA LEU A 121 -8.08 9.34 -22.30
C LEU A 121 -9.37 9.67 -23.01
N ASP A 122 -10.33 8.74 -23.04
CA ASP A 122 -11.61 9.04 -23.68
C ASP A 122 -12.32 10.19 -22.98
N ALA A 123 -12.25 10.22 -21.65
CA ALA A 123 -12.87 11.32 -20.92
C ALA A 123 -12.21 12.65 -21.28
N GLN A 124 -10.87 12.68 -21.33
CA GLN A 124 -10.18 13.90 -21.76
C GLN A 124 -10.49 14.24 -23.20
N ALA A 125 -10.54 13.22 -24.07
CA ALA A 125 -10.83 13.46 -25.48
C ALA A 125 -12.17 14.17 -25.65
N ARG A 126 -13.18 13.74 -24.89
CA ARG A 126 -14.51 14.31 -25.04
C ARG A 126 -14.58 15.73 -24.53
N ALA A 127 -13.89 16.02 -23.41
CA ALA A 127 -13.86 17.39 -22.91
C ALA A 127 -13.11 18.31 -23.87
N ILE A 128 -12.03 17.81 -24.47
CA ILE A 128 -11.22 18.63 -25.37
C ILE A 128 -11.98 18.93 -26.65
N LEU A 129 -12.62 17.91 -27.24
CA LEU A 129 -13.37 18.16 -28.47
C LEU A 129 -14.49 19.18 -28.25
N ARG A 130 -15.14 19.13 -27.07
CA ARG A 130 -16.14 20.16 -26.75
C ARG A 130 -15.50 21.54 -26.66
N ALA A 131 -14.46 21.67 -25.83
CA ALA A 131 -13.91 22.99 -25.53
C ALA A 131 -13.25 23.63 -26.75
N ALA A 132 -12.58 22.82 -27.59
CA ALA A 132 -11.86 23.38 -28.74
C ALA A 132 -12.79 23.78 -29.87
N GLY A 133 -13.95 23.14 -29.98
CA GLY A 133 -14.86 23.43 -31.07
C GLY A 133 -14.22 23.13 -32.41
N ASP A 134 -14.21 24.12 -33.29
CA ASP A 134 -13.69 23.94 -34.64
C ASP A 134 -12.18 24.13 -34.76
N ALA A 135 -11.49 24.54 -33.68
CA ALA A 135 -10.07 24.85 -33.81
C ALA A 135 -9.21 23.58 -33.83
N PRO A 136 -8.19 23.53 -34.70
CA PRO A 136 -7.17 22.47 -34.56
C PRO A 136 -6.51 22.53 -33.19
N VAL A 137 -6.05 21.38 -32.72
CA VAL A 137 -5.58 21.23 -31.36
C VAL A 137 -4.12 20.78 -31.38
N VAL A 138 -3.29 21.40 -30.55
CA VAL A 138 -1.92 20.95 -30.34
C VAL A 138 -1.80 20.57 -28.88
N LEU A 139 -1.39 19.32 -28.62
CA LEU A 139 -1.33 18.83 -27.26
C LEU A 139 0.06 19.06 -26.70
N LEU A 140 0.13 19.39 -25.41
CA LEU A 140 1.41 19.67 -24.79
C LEU A 140 1.48 19.00 -23.43
N GLY A 141 2.63 18.39 -23.13
CA GLY A 141 2.82 17.84 -21.81
C GLY A 141 4.28 17.75 -21.44
N HIS A 142 4.52 17.68 -20.12
CA HIS A 142 5.85 17.63 -19.55
C HIS A 142 6.04 16.36 -18.73
N SER A 143 7.12 15.62 -19.01
CA SER A 143 7.58 14.47 -18.23
C SER A 143 6.56 13.34 -18.36
N GLY A 144 5.98 12.83 -17.26
CA GLY A 144 4.88 11.89 -17.42
C GLY A 144 3.72 12.47 -18.22
N GLY A 145 3.48 13.78 -18.08
CA GLY A 145 2.49 14.44 -18.91
C GLY A 145 2.83 14.41 -20.39
N ALA A 146 4.12 14.32 -20.72
CA ALA A 146 4.46 14.22 -22.14
C ALA A 146 4.05 12.86 -22.69
N LEU A 147 4.31 11.78 -21.94
CA LEU A 147 3.83 10.47 -22.35
C LEU A 147 2.31 10.45 -22.51
N LEU A 148 1.59 11.09 -21.57
CA LEU A 148 0.13 11.14 -21.66
C LEU A 148 -0.35 11.93 -22.86
N ALA A 149 0.30 13.06 -23.17
CA ALA A 149 -0.06 13.84 -24.34
C ALA A 149 0.00 12.99 -25.60
N HIS A 150 1.06 12.19 -25.73
CA HIS A 150 1.16 11.36 -26.93
C HIS A 150 0.06 10.28 -26.93
N GLU A 151 -0.19 9.64 -25.78
CA GLU A 151 -1.23 8.61 -25.77
C GLU A 151 -2.58 9.23 -26.08
N LEU A 152 -2.81 10.46 -25.61
CA LEU A 152 -4.05 11.14 -25.91
C LEU A 152 -4.13 11.46 -27.39
N ALA A 153 -3.05 11.97 -27.97
CA ALA A 153 -3.04 12.22 -29.42
C ALA A 153 -3.42 10.97 -30.19
N PHE A 154 -2.88 9.82 -29.82
CA PHE A 154 -3.20 8.62 -30.58
C PHE A 154 -4.66 8.23 -30.37
N ARG A 155 -5.16 8.27 -29.13
CA ARG A 155 -6.57 8.00 -28.86
C ARG A 155 -7.46 8.91 -29.71
N LEU A 156 -7.17 10.21 -29.75
CA LEU A 156 -8.00 11.11 -30.54
C LEU A 156 -8.03 10.71 -32.01
N GLU A 157 -6.89 10.33 -32.56
CA GLU A 157 -6.85 9.97 -33.96
C GLU A 157 -7.54 8.63 -34.21
N ARG A 158 -7.21 7.62 -33.40
CA ARG A 158 -7.62 6.25 -33.69
C ARG A 158 -9.05 6.00 -33.24
N ALA A 159 -9.40 6.35 -32.01
CA ALA A 159 -10.74 6.07 -31.49
C ALA A 159 -11.76 7.18 -31.79
N HIS A 160 -11.34 8.42 -31.95
CA HIS A 160 -12.29 9.52 -32.17
C HIS A 160 -12.20 10.10 -33.57
N GLY A 161 -11.32 9.59 -34.42
CA GLY A 161 -11.26 10.05 -35.79
C GLY A 161 -10.85 11.49 -35.97
N ALA A 162 -10.15 12.10 -35.00
CA ALA A 162 -9.75 13.51 -35.08
C ALA A 162 -8.31 13.72 -34.57
N PRO A 163 -7.32 13.48 -35.42
CA PRO A 163 -5.91 13.64 -34.99
C PRO A 163 -5.61 15.10 -34.66
N PRO A 164 -4.82 15.37 -33.63
CA PRO A 164 -4.41 16.75 -33.35
C PRO A 164 -3.46 17.26 -34.43
N ALA A 165 -3.31 18.59 -34.48
CA ALA A 165 -2.41 19.17 -35.45
C ALA A 165 -0.94 19.00 -35.09
N GLY A 166 -0.65 18.69 -33.83
CA GLY A 166 0.73 18.47 -33.39
C GLY A 166 0.77 18.07 -31.93
N ILE A 167 1.97 17.73 -31.48
CA ILE A 167 2.24 17.31 -30.11
C ILE A 167 3.55 17.97 -29.68
N VAL A 168 3.54 18.65 -28.53
CA VAL A 168 4.75 19.18 -27.93
C VAL A 168 5.10 18.28 -26.76
N LEU A 169 6.24 17.59 -26.83
CA LEU A 169 6.68 16.71 -25.75
C LEU A 169 7.85 17.35 -25.03
N VAL A 170 7.63 17.76 -23.79
CA VAL A 170 8.67 18.43 -23.01
C VAL A 170 9.34 17.39 -22.13
N ASP A 171 10.59 17.05 -22.45
CA ASP A 171 11.38 16.09 -21.70
C ASP A 171 10.75 14.71 -21.48
N PRO A 172 10.29 14.04 -22.54
CA PRO A 172 9.76 12.68 -22.39
C PRO A 172 10.85 11.63 -22.22
N TYR A 173 10.58 10.67 -21.35
CA TYR A 173 11.45 9.50 -21.16
C TYR A 173 10.59 8.25 -21.39
N PRO A 174 10.40 7.86 -22.64
CA PRO A 174 9.44 6.77 -22.96
C PRO A 174 10.04 5.41 -22.61
N PRO A 175 9.22 4.36 -22.51
CA PRO A 175 9.77 3.02 -22.22
C PRO A 175 10.81 2.64 -23.27
N GLY A 176 11.91 2.07 -22.79
CA GLY A 176 13.07 1.80 -23.61
C GLY A 176 14.16 2.85 -23.50
N HIS A 177 13.87 4.02 -22.93
CA HIS A 177 14.82 5.12 -22.88
C HIS A 177 14.80 5.78 -21.51
N GLN A 178 14.77 4.96 -20.46
CA GLN A 178 14.52 5.44 -19.12
C GLN A 178 15.68 5.20 -18.15
N GLU A 179 16.82 4.69 -18.63
CA GLU A 179 17.99 4.54 -17.77
C GLU A 179 18.33 5.79 -16.98
N PRO A 180 18.33 7.01 -17.54
CA PRO A 180 18.58 8.18 -16.70
C PRO A 180 17.51 8.38 -15.63
N ILE A 181 16.26 8.05 -15.94
CA ILE A 181 15.15 8.22 -15.00
C ILE A 181 15.31 7.28 -13.80
N GLU A 182 15.96 6.12 -14.00
CA GLU A 182 16.25 5.21 -12.89
C GLU A 182 17.50 5.62 -12.12
N VAL A 183 18.58 5.97 -12.84
CA VAL A 183 19.79 6.45 -12.17
C VAL A 183 19.48 7.63 -11.28
N TRP A 184 18.54 8.49 -11.70
CA TRP A 184 18.21 9.70 -10.97
C TRP A 184 16.94 9.55 -10.11
N SER A 185 16.54 8.31 -9.79
CA SER A 185 15.27 8.10 -9.10
C SER A 185 15.19 8.88 -7.80
N ARG A 186 16.29 8.95 -7.05
CA ARG A 186 16.31 9.71 -5.80
C ARG A 186 15.98 11.18 -6.05
N GLN A 187 16.66 11.79 -7.02
CA GLN A 187 16.39 13.19 -7.33
C GLN A 187 14.97 13.42 -7.81
N LEU A 188 14.40 12.44 -8.52
CA LEU A 188 13.00 12.57 -8.91
C LEU A 188 12.07 12.55 -7.69
N GLY A 189 12.35 11.66 -6.73
CA GLY A 189 11.54 11.64 -5.53
C GLY A 189 11.72 12.90 -4.71
N GLU A 190 12.96 13.38 -4.59
CA GLU A 190 13.19 14.61 -3.84
C GLU A 190 12.56 15.81 -4.53
N GLY A 191 12.54 15.83 -5.87
CA GLY A 191 11.84 16.89 -6.56
C GLY A 191 10.34 16.87 -6.36
N LEU A 192 9.75 15.70 -6.05
CA LEU A 192 8.32 15.64 -5.74
C LEU A 192 8.02 16.33 -4.42
N PHE A 193 8.80 16.02 -3.38
CA PHE A 193 8.56 16.66 -2.10
C PHE A 193 8.91 18.14 -2.15
N ALA A 194 9.99 18.51 -2.86
CA ALA A 194 10.34 19.93 -2.98
C ALA A 194 9.25 20.71 -3.71
N GLY A 195 8.53 20.08 -4.62
CA GLY A 195 7.48 20.75 -5.36
C GLY A 195 6.16 20.91 -4.65
N GLU A 196 6.07 20.50 -3.38
CA GLU A 196 4.80 20.54 -2.68
C GLU A 196 4.42 21.97 -2.31
N LEU A 197 3.20 22.37 -2.66
CA LEU A 197 2.60 23.58 -2.12
C LEU A 197 1.70 23.27 -0.93
N GLU A 198 1.25 22.02 -0.82
CA GLU A 198 0.66 21.46 0.39
C GLU A 198 1.07 19.99 0.43
N PRO A 199 0.81 19.29 1.52
CA PRO A 199 1.16 17.86 1.58
C PRO A 199 0.39 17.05 0.53
N MET A 200 1.12 16.17 -0.17
CA MET A 200 0.50 15.25 -1.13
C MET A 200 -0.51 14.34 -0.43
N SER A 201 -1.75 14.37 -0.87
CA SER A 201 -2.76 13.51 -0.28
C SER A 201 -2.52 12.05 -0.67
N ASP A 202 -3.04 11.14 0.16
CA ASP A 202 -2.85 9.73 -0.15
C ASP A 202 -3.64 9.35 -1.41
N ALA A 203 -4.78 9.99 -1.63
CA ALA A 203 -5.54 9.73 -2.86
C ALA A 203 -4.73 10.12 -4.09
N ARG A 204 -4.05 11.27 -4.05
CA ARG A 204 -3.27 11.66 -5.21
C ARG A 204 -2.05 10.78 -5.41
N LEU A 205 -1.49 10.24 -4.32
CA LEU A 205 -0.36 9.33 -4.47
C LEU A 205 -0.78 8.01 -5.09
N LEU A 206 -1.97 7.52 -4.76
CA LEU A 206 -2.46 6.31 -5.41
C LEU A 206 -2.77 6.57 -6.88
N ALA A 207 -3.36 7.73 -7.20
CA ALA A 207 -3.54 8.12 -8.60
C ALA A 207 -2.20 8.12 -9.35
N MET A 208 -1.17 8.72 -8.76
CA MET A 208 0.14 8.78 -9.41
C MET A 208 0.69 7.38 -9.67
N GLY A 209 0.60 6.49 -8.69
CA GLY A 209 1.13 5.15 -8.90
C GLY A 209 0.36 4.38 -9.95
N ARG A 210 -0.97 4.59 -9.98
CA ARG A 210 -1.80 3.92 -10.98
C ARG A 210 -1.45 4.38 -12.40
N TYR A 211 -1.35 5.72 -12.62
CA TYR A 211 -0.98 6.21 -13.95
C TYR A 211 0.45 5.82 -14.32
N ALA A 212 1.38 5.84 -13.36
CA ALA A 212 2.74 5.40 -13.68
C ALA A 212 2.75 3.97 -14.20
N ARG A 213 1.95 3.08 -13.60
CA ARG A 213 1.89 1.72 -14.14
C ARG A 213 1.22 1.69 -15.51
N PHE A 214 0.14 2.46 -15.71
CA PHE A 214 -0.47 2.54 -17.05
C PHE A 214 0.58 2.86 -18.10
N LEU A 215 1.47 3.83 -17.81
CA LEU A 215 2.40 4.36 -18.78
C LEU A 215 3.64 3.48 -18.95
N ALA A 216 3.85 2.52 -18.05
CA ALA A 216 4.90 1.54 -18.21
C ALA A 216 4.50 0.38 -19.11
N GLY A 217 3.19 0.13 -19.32
CA GLY A 217 2.73 -1.02 -20.07
C GLY A 217 2.91 -0.82 -21.55
N PRO A 218 2.75 -1.91 -22.30
CA PRO A 218 2.97 -1.82 -23.76
C PRO A 218 1.84 -1.06 -24.42
N ARG A 219 2.18 0.04 -25.08
CA ARG A 219 1.23 0.87 -25.80
C ARG A 219 1.79 1.07 -27.20
N PRO A 220 1.41 0.20 -28.15
CA PRO A 220 2.04 0.24 -29.49
C PRO A 220 1.59 1.40 -30.36
N GLY A 221 0.41 1.98 -30.16
CA GLY A 221 -0.03 2.98 -31.11
C GLY A 221 0.89 4.20 -31.17
N ARG A 222 1.19 4.66 -32.39
CA ARG A 222 1.97 5.88 -32.61
C ARG A 222 1.13 6.91 -33.33
N SER A 223 1.01 8.10 -32.75
CA SER A 223 0.30 9.19 -33.40
C SER A 223 0.95 9.59 -34.72
N SER A 224 0.14 10.02 -35.68
CA SER A 224 0.71 10.56 -36.92
C SER A 224 0.93 12.07 -36.88
N ALA A 225 0.57 12.74 -35.80
CA ALA A 225 0.77 14.18 -35.65
C ALA A 225 2.25 14.53 -35.52
N PRO A 226 2.69 15.67 -36.07
CA PRO A 226 4.10 16.06 -35.94
C PRO A 226 4.47 16.41 -34.50
N VAL A 227 5.70 16.08 -34.12
CA VAL A 227 6.16 16.20 -32.73
C VAL A 227 7.24 17.27 -32.62
N LEU A 228 7.05 18.20 -31.70
CA LEU A 228 8.13 19.04 -31.22
C LEU A 228 8.69 18.43 -29.95
N LEU A 229 9.94 17.99 -29.99
CA LEU A 229 10.62 17.49 -28.81
C LEU A 229 11.42 18.63 -28.16
N VAL A 230 11.09 18.94 -26.91
CA VAL A 230 11.78 19.97 -26.13
C VAL A 230 12.56 19.28 -25.03
N ARG A 231 13.87 19.51 -24.99
CA ARG A 231 14.75 18.82 -24.06
C ARG A 231 15.41 19.78 -23.09
N ALA A 232 15.57 19.34 -21.83
CA ALA A 232 16.41 20.02 -20.87
C ALA A 232 17.88 19.97 -21.31
N SER A 233 18.64 21.01 -20.93
CA SER A 233 20.05 21.10 -21.31
C SER A 233 21.01 20.67 -20.21
N GLU A 234 20.56 20.66 -18.93
CA GLU A 234 21.39 20.28 -17.79
C GLU A 234 20.93 18.95 -17.24
N PRO A 235 21.85 18.06 -16.87
CA PRO A 235 21.46 16.81 -16.21
C PRO A 235 20.95 17.05 -14.80
N LEU A 236 19.93 16.26 -14.42
CA LEU A 236 19.33 16.32 -13.11
C LEU A 236 20.25 15.81 -12.01
N GLY A 237 21.10 14.85 -12.33
CA GLY A 237 22.05 14.32 -11.37
C GLY A 237 23.32 13.90 -12.05
N ASP A 238 24.17 13.16 -11.33
CA ASP A 238 25.45 12.73 -11.87
C ASP A 238 25.23 11.66 -12.94
N TRP A 239 26.07 11.67 -13.95
CA TRP A 239 25.88 10.79 -15.10
C TRP A 239 27.21 10.67 -15.85
N GLN A 240 27.73 9.46 -15.94
CA GLN A 240 28.90 9.15 -16.75
C GLN A 240 28.48 9.08 -18.22
N GLU A 241 28.97 10.02 -19.01
CA GLU A 241 28.60 10.08 -20.41
C GLU A 241 29.00 8.83 -21.19
N GLU A 242 29.90 7.99 -20.66
CA GLU A 242 30.17 6.70 -21.29
C GLU A 242 28.94 5.78 -21.28
N ARG A 243 27.92 6.07 -20.47
CA ARG A 243 26.68 5.30 -20.51
C ARG A 243 25.92 5.50 -21.81
N GLY A 244 26.08 6.64 -22.45
CA GLY A 244 25.18 7.07 -23.48
C GLY A 244 24.51 8.37 -23.08
N ASP A 245 23.49 8.73 -23.84
CA ASP A 245 22.88 10.03 -23.70
C ASP A 245 21.92 10.04 -22.50
N TRP A 246 22.04 11.04 -21.62
CA TRP A 246 21.07 11.16 -20.55
C TRP A 246 19.80 11.89 -20.96
N ARG A 247 19.78 12.53 -22.13
CA ARG A 247 18.72 13.46 -22.48
C ARG A 247 17.44 12.73 -22.83
N ALA A 248 16.35 13.50 -22.80
CA ALA A 248 15.03 13.02 -23.20
C ALA A 248 15.04 12.58 -24.65
N HIS A 249 14.12 11.67 -24.99
CA HIS A 249 14.13 11.06 -26.30
C HIS A 249 12.72 10.89 -26.88
N TRP A 250 12.59 11.12 -28.19
CA TRP A 250 11.44 10.67 -28.96
C TRP A 250 11.91 10.24 -30.35
N ASP A 251 11.24 9.22 -30.92
CA ASP A 251 11.56 8.75 -32.26
C ASP A 251 11.03 9.71 -33.31
N LEU A 252 11.87 10.03 -34.30
CA LEU A 252 11.48 10.79 -35.47
C LEU A 252 10.69 12.08 -35.17
N PRO A 253 11.19 12.94 -34.28
CA PRO A 253 10.48 14.22 -34.06
C PRO A 253 10.53 15.10 -35.29
N HIS A 254 9.47 15.89 -35.47
CA HIS A 254 9.50 16.93 -36.51
C HIS A 254 10.61 17.95 -36.24
N THR A 255 10.74 18.41 -34.99
CA THR A 255 11.68 19.43 -34.61
C THR A 255 12.15 19.11 -33.20
N VAL A 256 13.40 19.49 -32.89
CA VAL A 256 13.97 19.34 -31.56
C VAL A 256 14.43 20.72 -31.12
N ALA A 257 14.10 21.09 -29.88
CA ALA A 257 14.53 22.34 -29.26
C ALA A 257 15.13 22.04 -27.89
N ASP A 258 16.28 22.66 -27.60
CA ASP A 258 16.94 22.54 -26.31
C ASP A 258 16.72 23.84 -25.54
N VAL A 259 16.42 23.73 -24.25
CA VAL A 259 16.16 24.91 -23.44
C VAL A 259 17.03 24.81 -22.18
N PRO A 260 17.34 25.93 -21.53
CA PRO A 260 18.12 25.86 -20.30
C PRO A 260 17.41 25.10 -19.20
N GLY A 261 18.16 24.71 -18.19
CA GLY A 261 17.63 24.10 -16.99
C GLY A 261 17.64 22.58 -17.07
N ASP A 262 17.28 21.97 -15.95
CA ASP A 262 17.22 20.52 -15.89
C ASP A 262 15.78 20.06 -16.06
N HIS A 263 15.55 18.76 -15.84
CA HIS A 263 14.23 18.15 -15.97
C HIS A 263 13.15 18.96 -15.25
N PHE A 264 13.46 19.48 -14.06
CA PHE A 264 12.48 20.27 -13.32
C PHE A 264 12.57 21.75 -13.65
N THR A 265 13.78 22.33 -13.59
CA THR A 265 13.86 23.77 -13.71
C THR A 265 13.57 24.30 -15.12
N MET A 266 13.56 23.43 -16.15
CA MET A 266 13.16 23.89 -17.47
C MET A 266 11.72 24.42 -17.48
N MET A 267 10.84 23.91 -16.62
CA MET A 267 9.44 24.35 -16.63
C MET A 267 9.13 25.48 -15.65
N ARG A 268 9.94 25.71 -14.63
CA ARG A 268 9.65 26.86 -13.79
C ARG A 268 10.53 28.03 -14.21
N ASP A 269 11.81 27.92 -13.90
CA ASP A 269 12.72 29.03 -14.13
C ASP A 269 12.82 29.39 -15.61
N HIS A 270 12.65 28.41 -16.51
CA HIS A 270 12.87 28.65 -17.94
C HIS A 270 11.64 28.40 -18.80
N ALA A 271 10.44 28.41 -18.22
CA ALA A 271 9.22 28.28 -19.02
C ALA A 271 9.18 29.22 -20.23
N PRO A 272 9.61 30.49 -20.16
CA PRO A 272 9.58 31.32 -21.38
C PRO A 272 10.38 30.74 -22.53
N ALA A 273 11.51 30.09 -22.25
CA ALA A 273 12.26 29.46 -23.34
C ALA A 273 11.46 28.31 -23.96
N VAL A 274 10.72 27.55 -23.13
CA VAL A 274 9.83 26.52 -23.66
C VAL A 274 8.74 27.15 -24.53
N ALA A 275 8.10 28.22 -24.03
CA ALA A 275 7.02 28.84 -24.78
C ALA A 275 7.51 29.34 -26.14
N GLU A 276 8.69 29.97 -26.16
CA GLU A 276 9.22 30.56 -27.39
C GLU A 276 9.54 29.49 -28.43
N ALA A 277 10.03 28.33 -28.00
CA ALA A 277 10.22 27.24 -28.96
C ALA A 277 8.88 26.72 -29.49
N VAL A 278 7.86 26.70 -28.64
CA VAL A 278 6.54 26.25 -29.09
C VAL A 278 5.95 27.22 -30.10
N LEU A 279 5.98 28.53 -29.79
CA LEU A 279 5.36 29.52 -30.66
C LEU A 279 6.06 29.59 -32.01
N SER A 280 7.38 29.42 -32.02
CA SER A 280 8.10 29.43 -33.28
C SER A 280 7.79 28.17 -34.10
N TRP A 281 7.74 27.01 -33.42
CA TRP A 281 7.36 25.77 -34.09
C TRP A 281 5.95 25.85 -34.66
N LEU A 282 4.98 26.38 -33.88
CA LEU A 282 3.60 26.44 -34.35
C LEU A 282 3.47 27.25 -35.64
N ASP A 283 4.11 28.42 -35.70
CA ASP A 283 4.06 29.22 -36.92
C ASP A 283 4.62 28.44 -38.12
N ALA A 284 5.70 27.69 -37.91
CA ALA A 284 6.31 26.92 -38.98
C ALA A 284 5.34 25.88 -39.54
N ILE A 285 4.69 25.09 -38.68
CA ILE A 285 3.83 24.03 -39.19
C ILE A 285 2.50 24.54 -39.73
N GLU A 286 2.21 25.83 -39.60
CA GLU A 286 0.99 26.35 -40.24
C GLU A 286 1.27 27.63 -41.02
N ALA B 4 -11.12 6.86 9.16
CA ALA B 4 -9.81 7.46 9.42
C ALA B 4 -8.90 7.46 8.17
N GLY B 5 -7.82 6.64 8.17
CA GLY B 5 -6.82 6.69 7.13
C GLY B 5 -7.14 5.89 5.88
N MET B 6 -6.30 6.07 4.86
CA MET B 6 -6.56 5.47 3.55
C MET B 6 -6.39 3.95 3.56
N PHE B 7 -5.44 3.42 4.32
CA PHE B 7 -5.26 1.96 4.34
C PHE B 7 -6.53 1.26 4.83
N ARG B 8 -7.16 1.80 5.86
CA ARG B 8 -8.42 1.25 6.34
C ARG B 8 -9.50 1.32 5.27
N ALA B 9 -9.62 2.47 4.59
CA ALA B 9 -10.59 2.59 3.51
C ALA B 9 -10.33 1.58 2.40
N LEU B 10 -9.07 1.44 1.98
CA LEU B 10 -8.74 0.44 0.97
C LEU B 10 -9.06 -0.97 1.46
N PHE B 11 -8.75 -1.26 2.72
CA PHE B 11 -8.97 -2.58 3.29
C PHE B 11 -10.46 -2.89 3.38
N ARG B 12 -11.28 -1.87 3.71
CA ARG B 12 -12.73 -2.06 3.67
C ARG B 12 -13.20 -2.44 2.29
N GLN B 13 -12.77 -1.69 1.26
CA GLN B 13 -13.08 -2.04 -0.11
C GLN B 13 -12.58 -3.45 -0.46
N ALA B 14 -11.36 -3.79 -0.01
CA ALA B 14 -10.84 -5.11 -0.36
C ALA B 14 -11.73 -6.21 0.19
N VAL B 15 -12.22 -6.04 1.41
CA VAL B 15 -13.09 -7.04 2.02
C VAL B 15 -14.43 -7.08 1.30
N GLU B 16 -15.01 -5.91 0.99
CA GLU B 16 -16.21 -5.85 0.16
C GLU B 16 -16.06 -6.65 -1.12
N ASP B 17 -14.93 -6.54 -1.80
CA ASP B 17 -14.68 -7.17 -3.08
C ASP B 17 -14.06 -8.57 -2.96
N ASP B 18 -14.00 -9.14 -1.76
CA ASP B 18 -13.51 -10.50 -1.53
C ASP B 18 -12.04 -10.66 -1.95
N ARG B 19 -11.20 -9.72 -1.49
CA ARG B 19 -9.78 -9.73 -1.86
C ARG B 19 -8.90 -9.49 -0.64
N TYR B 20 -9.31 -10.06 0.50
CA TYR B 20 -8.58 -9.92 1.76
C TYR B 20 -7.11 -10.31 1.60
N GLY B 21 -6.85 -11.45 0.97
CA GLY B 21 -5.48 -11.93 0.87
C GLY B 21 -4.61 -11.05 -0.02
N GLU B 22 -5.15 -10.58 -1.15
CA GLU B 22 -4.40 -9.64 -1.97
C GLU B 22 -4.03 -8.41 -1.16
N PHE B 23 -4.96 -7.88 -0.36
CA PHE B 23 -4.65 -6.64 0.35
C PHE B 23 -3.67 -6.85 1.50
N LEU B 24 -3.77 -7.97 2.22
CA LEU B 24 -2.75 -8.29 3.21
C LEU B 24 -1.35 -8.32 2.60
N ASP B 25 -1.22 -8.75 1.34
CA ASP B 25 0.09 -8.70 0.68
C ASP B 25 0.56 -7.27 0.42
N VAL B 26 -0.36 -6.38 0.03
CA VAL B 26 -0.05 -4.95 -0.08
C VAL B 26 0.42 -4.39 1.26
N LEU B 27 -0.31 -4.68 2.34
CA LEU B 27 0.12 -4.21 3.65
C LEU B 27 1.51 -4.73 4.00
N ALA B 28 1.82 -5.99 3.68
CA ALA B 28 3.16 -6.52 3.95
C ALA B 28 4.23 -5.73 3.21
N GLU B 29 4.02 -5.49 1.91
CA GLU B 29 5.00 -4.73 1.11
C GLU B 29 5.15 -3.30 1.63
N ALA B 30 4.02 -2.62 1.88
CA ALA B 30 4.09 -1.26 2.38
C ALA B 30 4.82 -1.19 3.72
N SER B 31 4.72 -2.24 4.54
CA SER B 31 5.23 -2.20 5.90
C SER B 31 6.74 -2.12 5.95
N ALA B 32 7.43 -2.57 4.91
CA ALA B 32 8.88 -2.44 4.81
C ALA B 32 9.36 -0.99 4.93
N PHE B 33 8.48 -0.01 4.73
CA PHE B 33 8.87 1.39 4.74
C PHE B 33 8.53 2.09 6.05
N ARG B 34 8.14 1.35 7.06
CA ARG B 34 7.93 1.90 8.39
C ARG B 34 9.22 1.80 9.18
N PRO B 35 9.41 2.70 10.16
CA PRO B 35 10.57 2.56 11.06
C PRO B 35 10.57 1.20 11.76
N GLN B 36 11.77 0.59 11.84
CA GLN B 36 11.98 -0.74 12.38
C GLN B 36 12.87 -0.73 13.62
N PHE B 37 12.92 -1.89 14.30
CA PHE B 37 13.93 -2.15 15.33
C PHE B 37 14.53 -3.51 15.06
N ALA B 38 15.86 -3.59 15.09
CA ALA B 38 16.58 -4.77 14.64
C ALA B 38 17.22 -5.59 15.75
N SER B 39 17.40 -5.00 16.94
CA SER B 39 17.84 -5.77 18.08
C SER B 39 16.74 -5.79 19.13
N PRO B 40 16.60 -6.89 19.87
CA PRO B 40 15.62 -6.93 20.98
C PRO B 40 15.71 -5.73 21.92
N GLU B 41 16.89 -5.13 22.04
CA GLU B 41 17.08 -3.97 22.93
C GLU B 41 16.51 -2.68 22.33
N ALA B 42 16.59 -2.54 21.01
CA ALA B 42 16.13 -1.33 20.31
C ALA B 42 14.61 -1.16 20.36
N CYS B 43 13.92 -2.08 21.02
CA CYS B 43 12.46 -2.06 21.05
C CYS B 43 11.96 -0.87 21.85
N SER B 44 11.01 -0.12 21.29
CA SER B 44 10.54 1.12 21.89
C SER B 44 9.51 0.87 22.99
N GLU B 45 8.54 -0.02 22.73
CA GLU B 45 7.44 -0.26 23.66
C GLU B 45 7.92 -0.99 24.92
N ARG B 46 7.15 -0.86 25.99
CA ARG B 46 7.26 -1.75 27.14
C ARG B 46 6.34 -2.92 26.91
N LEU B 47 6.91 -4.12 26.84
CA LEU B 47 6.15 -5.34 26.61
C LEU B 47 5.75 -6.01 27.92
N ASP B 48 5.53 -5.24 28.97
CA ASP B 48 5.19 -5.84 30.26
C ASP B 48 3.89 -6.62 30.17
N PRO B 49 3.90 -7.91 30.51
CA PRO B 49 2.65 -8.67 30.51
C PRO B 49 1.66 -8.14 31.53
N VAL B 50 0.38 -8.20 31.19
CA VAL B 50 -0.69 -7.74 32.06
C VAL B 50 -1.34 -8.95 32.71
N LEU B 51 -1.51 -8.91 34.03
CA LEU B 51 -2.14 -10.00 34.76
C LEU B 51 -3.67 -9.87 34.70
N LEU B 52 -4.33 -10.81 34.02
CA LEU B 52 -5.77 -10.75 33.79
C LEU B 52 -6.55 -11.71 34.66
N ALA B 53 -5.87 -12.67 35.28
CA ALA B 53 -6.51 -13.56 36.23
C ALA B 53 -5.48 -13.98 37.27
N GLY B 54 -5.94 -14.18 38.49
CA GLY B 54 -5.09 -14.65 39.58
C GLY B 54 -5.39 -16.10 39.95
N GLY B 55 -4.33 -16.89 40.18
CA GLY B 55 -4.49 -18.24 40.65
C GLY B 55 -4.79 -18.28 42.14
N PRO B 56 -4.89 -19.49 42.68
CA PRO B 56 -5.18 -19.64 44.10
C PRO B 56 -3.94 -19.40 44.97
N THR B 57 -4.21 -18.93 46.18
CA THR B 57 -3.14 -18.60 47.13
C THR B 57 -2.60 -19.91 47.71
N ASP B 58 -1.33 -20.19 47.43
CA ASP B 58 -0.66 -21.39 47.94
C ASP B 58 0.18 -21.06 49.17
N GLU B 61 2.19 -25.75 45.15
CA GLU B 61 3.03 -24.66 44.67
C GLU B 61 4.02 -25.16 43.61
N GLY B 62 4.55 -24.23 42.80
CA GLY B 62 5.27 -24.56 41.59
C GLY B 62 4.41 -24.70 40.37
N ARG B 63 3.21 -24.11 40.37
CA ARG B 63 2.24 -24.35 39.31
C ARG B 63 2.54 -23.46 38.11
N ALA B 64 2.11 -23.94 36.95
CA ALA B 64 2.37 -23.22 35.71
C ALA B 64 1.48 -21.98 35.63
N VAL B 65 2.05 -20.88 35.13
CA VAL B 65 1.33 -19.66 34.78
C VAL B 65 1.02 -19.71 33.29
N LEU B 66 -0.16 -19.25 32.91
CA LEU B 66 -0.56 -19.16 31.51
C LEU B 66 -0.17 -17.81 30.96
N VAL B 67 0.43 -17.82 29.78
CA VAL B 67 0.78 -16.59 29.07
C VAL B 67 0.02 -16.56 27.76
N GLY B 68 -0.83 -15.54 27.59
CA GLY B 68 -1.57 -15.35 26.36
C GLY B 68 -0.75 -14.51 25.40
N CYS B 69 -0.55 -15.05 24.20
CA CYS B 69 0.24 -14.38 23.17
C CYS B 69 -0.71 -13.66 22.24
N THR B 70 -0.74 -12.33 22.33
CA THR B 70 -1.62 -11.52 21.51
C THR B 70 -1.46 -11.85 20.03
N GLY B 71 -2.59 -12.01 19.33
CA GLY B 71 -2.62 -12.28 17.91
C GLY B 71 -2.35 -11.03 17.09
N THR B 72 -2.50 -11.18 15.77
CA THR B 72 -2.09 -10.16 14.81
C THR B 72 -3.20 -9.17 14.45
N ALA B 73 -4.44 -9.39 14.88
CA ALA B 73 -5.54 -8.54 14.46
C ALA B 73 -5.25 -7.07 14.71
N ALA B 74 -5.42 -6.25 13.67
CA ALA B 74 -5.18 -4.83 13.82
C ALA B 74 -6.19 -4.16 14.74
N ASN B 75 -7.36 -4.77 14.95
CA ASN B 75 -8.36 -4.28 15.90
C ASN B 75 -8.16 -4.84 17.30
N GLY B 76 -7.15 -5.67 17.50
CA GLY B 76 -6.95 -6.35 18.75
C GLY B 76 -6.15 -5.51 19.74
N GLY B 77 -5.49 -6.21 20.64
CA GLY B 77 -4.75 -5.56 21.70
C GLY B 77 -5.03 -6.21 23.05
N PRO B 78 -4.94 -5.42 24.11
CA PRO B 78 -5.01 -5.99 25.48
C PRO B 78 -6.38 -6.54 25.87
N HIS B 79 -7.43 -6.28 25.10
CA HIS B 79 -8.73 -6.85 25.39
C HIS B 79 -8.94 -8.27 24.85
N GLU B 80 -7.99 -8.80 24.07
CA GLU B 80 -8.21 -10.07 23.36
C GLU B 80 -8.66 -11.21 24.27
N PHE B 81 -8.00 -11.38 25.42
CA PHE B 81 -8.20 -12.53 26.32
C PHE B 81 -9.14 -12.25 27.49
N LEU B 82 -9.82 -11.12 27.50
CA LEU B 82 -10.62 -10.74 28.66
C LEU B 82 -11.71 -11.75 28.97
N ARG B 83 -12.54 -12.10 27.97
CA ARG B 83 -13.60 -13.06 28.26
C ARG B 83 -13.01 -14.40 28.71
N LEU B 84 -12.00 -14.90 27.99
CA LEU B 84 -11.41 -16.18 28.34
C LEU B 84 -10.84 -16.16 29.76
N SER B 85 -10.14 -15.09 30.11
CA SER B 85 -9.39 -15.06 31.36
C SER B 85 -10.31 -15.18 32.57
N THR B 86 -11.59 -14.79 32.47
CA THR B 86 -12.45 -14.83 33.66
C THR B 86 -12.64 -16.26 34.17
N SER B 87 -12.60 -17.26 33.27
CA SER B 87 -12.71 -18.65 33.68
C SER B 87 -11.42 -19.19 34.30
N PHE B 88 -10.32 -18.44 34.25
CA PHE B 88 -9.11 -18.83 34.92
C PHE B 88 -8.98 -18.21 36.32
N GLN B 89 -9.80 -17.22 36.63
CA GLN B 89 -9.75 -16.61 37.95
C GLN B 89 -9.97 -17.67 39.02
N GLU B 90 -9.04 -17.74 39.98
CA GLU B 90 -9.00 -18.69 41.11
C GLU B 90 -8.45 -20.04 40.69
N GLU B 91 -7.93 -20.17 39.46
CA GLU B 91 -7.37 -21.41 38.94
C GLU B 91 -5.92 -21.26 38.51
N ARG B 92 -5.61 -20.23 37.73
CA ARG B 92 -4.28 -20.04 37.18
C ARG B 92 -4.02 -18.56 37.05
N ASP B 93 -2.78 -18.15 37.29
CA ASP B 93 -2.38 -16.84 36.80
C ASP B 93 -2.46 -16.83 35.27
N PHE B 94 -2.99 -15.75 34.72
CA PHE B 94 -3.04 -15.55 33.28
C PHE B 94 -2.44 -14.20 32.96
N LEU B 95 -1.35 -14.20 32.20
CA LEU B 95 -0.71 -12.98 31.74
C LEU B 95 -0.93 -12.83 30.24
N ALA B 96 -1.21 -11.59 29.80
CA ALA B 96 -1.32 -11.27 28.38
C ALA B 96 -0.10 -10.46 27.96
N VAL B 97 0.66 -10.94 26.98
CA VAL B 97 1.87 -10.26 26.54
C VAL B 97 1.55 -9.54 25.23
N PRO B 98 1.89 -8.26 25.10
CA PRO B 98 1.60 -7.53 23.86
C PRO B 98 2.53 -7.98 22.74
N LEU B 99 2.12 -7.67 21.53
CA LEU B 99 2.88 -7.97 20.33
C LEU B 99 3.58 -6.70 19.85
N PRO B 100 4.92 -6.70 19.69
CA PRO B 100 5.62 -5.46 19.34
C PRO B 100 5.19 -4.90 17.98
N GLY B 101 5.07 -3.57 17.91
CA GLY B 101 4.65 -2.87 16.72
C GLY B 101 3.24 -2.32 16.75
N TYR B 102 2.43 -2.65 17.77
CA TYR B 102 1.05 -2.20 17.79
C TYR B 102 0.78 -1.04 18.75
N GLY B 103 1.75 -0.63 19.56
CA GLY B 103 1.49 0.28 20.67
C GLY B 103 1.41 1.75 20.30
N THR B 104 1.15 2.57 21.32
CA THR B 104 1.00 4.03 21.27
C THR B 104 0.15 4.52 20.09
N GLY B 109 2.71 9.22 18.98
CA GLY B 109 3.65 8.11 18.95
C GLY B 109 3.08 6.83 18.34
N THR B 110 3.92 6.13 17.57
CA THR B 110 3.57 4.82 17.00
C THR B 110 4.80 3.91 17.05
N ALA B 111 4.57 2.64 17.37
CA ALA B 111 5.66 1.76 17.74
C ALA B 111 6.50 1.34 16.53
N LEU B 112 7.77 1.05 16.78
CA LEU B 112 8.64 0.54 15.73
C LEU B 112 8.21 -0.86 15.33
N LEU B 113 8.37 -1.18 14.04
CA LEU B 113 8.01 -2.54 13.70
C LEU B 113 9.24 -3.44 13.82
N PRO B 114 9.07 -4.71 14.12
CA PRO B 114 10.23 -5.60 14.20
C PRO B 114 10.84 -5.87 12.83
N ALA B 115 12.17 -5.97 12.80
CA ALA B 115 12.87 -6.25 11.54
C ALA B 115 12.53 -7.64 11.02
N ASP B 116 12.51 -8.62 11.92
CA ASP B 116 12.04 -9.97 11.59
C ASP B 116 11.31 -10.53 12.80
N LEU B 117 10.72 -11.72 12.62
CA LEU B 117 9.93 -12.29 13.70
C LEU B 117 10.78 -12.56 14.94
N ASP B 118 11.99 -13.10 14.74
CA ASP B 118 12.83 -13.46 15.88
C ASP B 118 13.13 -12.24 16.75
N THR B 119 13.28 -11.06 16.15
CA THR B 119 13.51 -9.86 16.94
C THR B 119 12.30 -9.54 17.81
N ALA B 120 11.09 -9.74 17.28
CA ALA B 120 9.90 -9.51 18.10
C ALA B 120 9.74 -10.59 19.15
N LEU B 121 10.00 -11.85 18.78
CA LEU B 121 9.83 -12.93 19.75
C LEU B 121 10.79 -12.77 20.92
N ASP B 122 12.03 -12.35 20.63
CA ASP B 122 13.03 -12.17 21.69
C ASP B 122 12.60 -11.07 22.65
N ALA B 123 12.07 -9.96 22.14
CA ALA B 123 11.60 -8.89 23.00
C ALA B 123 10.45 -9.36 23.88
N GLN B 124 9.59 -10.23 23.35
CA GLN B 124 8.54 -10.85 24.16
C GLN B 124 9.13 -11.80 25.19
N ALA B 125 10.10 -12.62 24.77
CA ALA B 125 10.68 -13.63 25.66
C ALA B 125 11.34 -13.00 26.88
N ARG B 126 12.02 -11.86 26.70
CA ARG B 126 12.63 -11.17 27.83
C ARG B 126 11.57 -10.63 28.79
N ALA B 127 10.48 -10.10 28.25
CA ALA B 127 9.42 -9.57 29.11
C ALA B 127 8.74 -10.68 29.88
N ILE B 128 8.51 -11.82 29.23
CA ILE B 128 7.84 -12.93 29.90
C ILE B 128 8.69 -13.47 31.03
N LEU B 129 10.01 -13.58 30.80
CA LEU B 129 10.86 -14.17 31.82
C LEU B 129 10.95 -13.28 33.06
N ARG B 130 10.87 -11.95 32.90
CA ARG B 130 10.80 -11.07 34.06
C ARG B 130 9.51 -11.31 34.84
N ALA B 131 8.38 -11.30 34.15
CA ALA B 131 7.08 -11.38 34.82
C ALA B 131 6.84 -12.76 35.43
N ALA B 132 7.29 -13.82 34.77
CA ALA B 132 7.00 -15.16 35.28
C ALA B 132 7.91 -15.56 36.43
N GLY B 133 9.03 -14.87 36.62
CA GLY B 133 9.96 -15.24 37.66
C GLY B 133 10.49 -16.64 37.45
N ASP B 134 10.08 -17.57 38.32
CA ASP B 134 10.53 -18.95 38.22
C ASP B 134 9.41 -19.96 38.02
N ALA B 135 8.16 -19.53 37.98
CA ALA B 135 7.08 -20.45 37.68
C ALA B 135 7.25 -21.00 36.27
N PRO B 136 6.82 -22.25 36.04
CA PRO B 136 6.76 -22.76 34.66
C PRO B 136 5.73 -21.97 33.85
N VAL B 137 5.99 -21.86 32.55
CA VAL B 137 5.23 -21.02 31.63
C VAL B 137 4.51 -21.92 30.63
N VAL B 138 3.23 -21.68 30.42
CA VAL B 138 2.43 -22.35 29.39
C VAL B 138 1.85 -21.27 28.47
N LEU B 139 2.17 -21.34 27.17
CA LEU B 139 1.76 -20.30 26.24
C LEU B 139 0.43 -20.67 25.59
N LEU B 140 -0.36 -19.64 25.30
CA LEU B 140 -1.67 -19.84 24.69
C LEU B 140 -1.88 -18.80 23.60
N GLY B 141 -2.41 -19.22 22.46
CA GLY B 141 -2.67 -18.29 21.37
C GLY B 141 -3.84 -18.77 20.52
N HIS B 142 -4.49 -17.80 19.86
CA HIS B 142 -5.65 -18.08 19.02
C HIS B 142 -5.38 -17.64 17.58
N SER B 143 -5.66 -18.53 16.62
CA SER B 143 -5.56 -18.25 15.19
C SER B 143 -4.11 -17.87 14.86
N GLY B 144 -3.83 -16.69 14.30
CA GLY B 144 -2.44 -16.30 14.09
C GLY B 144 -1.66 -16.17 15.39
N GLY B 145 -2.34 -15.83 16.48
CA GLY B 145 -1.69 -15.88 17.79
C GLY B 145 -1.26 -17.29 18.17
N ALA B 146 -1.99 -18.30 17.72
CA ALA B 146 -1.56 -19.68 17.99
C ALA B 146 -0.23 -19.98 17.31
N LEU B 147 -0.11 -19.63 16.02
CA LEU B 147 1.18 -19.73 15.35
C LEU B 147 2.25 -18.98 16.11
N LEU B 148 1.94 -17.77 16.58
CA LEU B 148 2.96 -16.99 17.28
C LEU B 148 3.35 -17.63 18.61
N ALA B 149 2.37 -18.21 19.33
CA ALA B 149 2.69 -18.89 20.58
C ALA B 149 3.67 -20.03 20.35
N HIS B 150 3.50 -20.78 19.28
CA HIS B 150 4.43 -21.87 19.02
C HIS B 150 5.81 -21.35 18.59
N GLU B 151 5.84 -20.31 17.75
CA GLU B 151 7.13 -19.74 17.39
C GLU B 151 7.84 -19.16 18.62
N LEU B 152 7.07 -18.57 19.54
CA LEU B 152 7.68 -18.03 20.76
C LEU B 152 8.19 -19.16 21.65
N ALA B 153 7.44 -20.26 21.74
CA ALA B 153 7.88 -21.38 22.56
C ALA B 153 9.21 -21.92 22.06
N PHE B 154 9.36 -22.04 20.74
CA PHE B 154 10.63 -22.47 20.17
C PHE B 154 11.73 -21.47 20.46
N ARG B 155 11.41 -20.18 20.46
CA ARG B 155 12.42 -19.18 20.77
C ARG B 155 12.87 -19.24 22.23
N LEU B 156 11.94 -19.53 23.15
CA LEU B 156 12.29 -19.57 24.56
C LEU B 156 13.19 -20.76 24.88
N GLU B 157 12.88 -21.91 24.30
CA GLU B 157 13.72 -23.11 24.32
C GLU B 157 15.15 -22.80 23.91
N ARG B 158 15.34 -22.42 22.64
CA ARG B 158 16.65 -22.45 22.00
C ARG B 158 17.48 -21.22 22.30
N ALA B 159 16.88 -20.04 22.25
CA ALA B 159 17.64 -18.81 22.41
C ALA B 159 17.66 -18.30 23.85
N HIS B 160 16.84 -18.84 24.73
CA HIS B 160 16.77 -18.33 26.10
C HIS B 160 16.82 -19.44 27.14
N GLY B 161 17.05 -20.69 26.74
CA GLY B 161 17.26 -21.78 27.68
C GLY B 161 16.11 -22.04 28.63
N ALA B 162 14.93 -21.52 28.34
CA ALA B 162 13.77 -21.65 29.22
C ALA B 162 12.64 -22.28 28.43
N PRO B 163 12.61 -23.60 28.30
CA PRO B 163 11.51 -24.26 27.55
C PRO B 163 10.21 -24.13 28.32
N PRO B 164 9.14 -23.67 27.67
CA PRO B 164 7.83 -23.65 28.34
C PRO B 164 7.37 -25.07 28.67
N ALA B 165 6.43 -25.16 29.61
CA ALA B 165 5.85 -26.44 30.02
C ALA B 165 4.78 -26.95 29.06
N GLY B 166 4.29 -26.11 28.16
CA GLY B 166 3.18 -26.50 27.30
C GLY B 166 2.81 -25.34 26.39
N ILE B 167 2.08 -25.68 25.33
CA ILE B 167 1.55 -24.69 24.40
C ILE B 167 0.10 -25.03 24.13
N VAL B 168 -0.78 -24.04 24.23
CA VAL B 168 -2.18 -24.20 23.86
C VAL B 168 -2.40 -23.45 22.54
N LEU B 169 -2.71 -24.21 21.49
CA LEU B 169 -2.97 -23.68 20.16
C LEU B 169 -4.47 -23.74 19.93
N VAL B 170 -5.09 -22.57 19.87
CA VAL B 170 -6.53 -22.46 19.70
C VAL B 170 -6.79 -22.13 18.24
N ASP B 171 -7.36 -23.10 17.52
CA ASP B 171 -7.69 -22.99 16.10
C ASP B 171 -6.54 -22.51 15.21
N PRO B 172 -5.40 -23.20 15.23
CA PRO B 172 -4.29 -22.81 14.36
C PRO B 172 -4.45 -23.33 12.93
N TYR B 173 -3.96 -22.53 11.97
CA TYR B 173 -3.99 -22.89 10.55
C TYR B 173 -2.60 -22.71 10.00
N PRO B 174 -1.69 -23.64 10.29
CA PRO B 174 -0.28 -23.46 9.94
C PRO B 174 -0.06 -23.55 8.44
N PRO B 175 1.08 -23.09 7.93
CA PRO B 175 1.38 -23.22 6.50
C PRO B 175 1.26 -24.66 6.07
N GLY B 176 0.62 -24.87 4.93
CA GLY B 176 0.31 -26.20 4.45
C GLY B 176 -1.07 -26.69 4.82
N HIS B 177 -1.73 -26.04 5.77
CA HIS B 177 -3.07 -26.43 6.18
C HIS B 177 -3.99 -25.21 6.24
N GLN B 178 -3.66 -24.15 5.50
CA GLN B 178 -4.35 -22.87 5.58
C GLN B 178 -5.58 -22.79 4.70
N GLU B 179 -5.81 -23.77 3.84
CA GLU B 179 -6.85 -23.68 2.82
C GLU B 179 -8.21 -23.23 3.33
N PRO B 180 -8.76 -23.81 4.41
CA PRO B 180 -10.09 -23.33 4.85
C PRO B 180 -10.08 -21.87 5.28
N ILE B 181 -9.04 -21.44 5.97
CA ILE B 181 -9.00 -20.06 6.43
C ILE B 181 -8.80 -19.10 5.25
N GLU B 182 -8.18 -19.55 4.14
CA GLU B 182 -8.12 -18.74 2.94
C GLU B 182 -9.48 -18.65 2.24
N VAL B 183 -10.21 -19.76 2.21
CA VAL B 183 -11.54 -19.78 1.63
C VAL B 183 -12.50 -18.89 2.42
N TRP B 184 -12.33 -18.81 3.74
CA TRP B 184 -13.17 -17.95 4.56
C TRP B 184 -12.53 -16.57 4.81
N SER B 185 -11.64 -16.11 3.94
CA SER B 185 -10.93 -14.87 4.22
C SER B 185 -11.89 -13.68 4.29
N ARG B 186 -12.97 -13.70 3.52
CA ARG B 186 -13.92 -12.59 3.60
C ARG B 186 -14.53 -12.48 5.00
N GLN B 187 -14.82 -13.62 5.63
CA GLN B 187 -15.32 -13.63 7.00
C GLN B 187 -14.29 -13.12 8.00
N LEU B 188 -13.00 -13.41 7.79
CA LEU B 188 -11.98 -12.82 8.65
C LEU B 188 -11.99 -11.30 8.53
N GLY B 189 -12.04 -10.80 7.30
CA GLY B 189 -12.06 -9.36 7.11
C GLY B 189 -13.28 -8.71 7.71
N GLU B 190 -14.45 -9.30 7.47
CA GLU B 190 -15.66 -8.75 8.05
C GLU B 190 -15.61 -8.79 9.57
N GLY B 191 -14.99 -9.83 10.14
CA GLY B 191 -14.89 -9.91 11.60
C GLY B 191 -13.98 -8.83 12.17
N LEU B 192 -12.94 -8.45 11.42
CA LEU B 192 -12.07 -7.36 11.85
C LEU B 192 -12.86 -6.06 11.97
N PHE B 193 -13.71 -5.76 10.98
CA PHE B 193 -14.46 -4.52 11.05
C PHE B 193 -15.56 -4.58 12.11
N ALA B 194 -16.25 -5.73 12.20
CA ALA B 194 -17.27 -5.92 13.22
C ALA B 194 -16.68 -5.80 14.63
N GLY B 195 -15.43 -6.22 14.82
CA GLY B 195 -14.75 -6.14 16.10
C GLY B 195 -14.13 -4.81 16.43
N GLU B 196 -14.28 -3.80 15.59
CA GLU B 196 -13.72 -2.49 15.87
C GLU B 196 -14.40 -1.88 17.10
N LEU B 197 -13.60 -1.55 18.10
CA LEU B 197 -14.04 -0.61 19.12
C LEU B 197 -13.66 0.82 18.75
N GLU B 198 -12.74 0.96 17.80
CA GLU B 198 -12.34 2.24 17.22
C GLU B 198 -11.82 1.90 15.82
N PRO B 199 -11.66 2.91 14.97
CA PRO B 199 -11.12 2.63 13.62
C PRO B 199 -9.70 2.08 13.67
N MET B 200 -9.49 0.96 13.00
CA MET B 200 -8.15 0.40 12.85
C MET B 200 -7.20 1.42 12.23
N SER B 201 -6.16 1.77 12.97
CA SER B 201 -5.18 2.71 12.44
C SER B 201 -4.39 2.07 11.30
N ASP B 202 -3.86 2.92 10.42
CA ASP B 202 -3.02 2.42 9.34
C ASP B 202 -1.73 1.81 9.87
N ALA B 203 -1.21 2.34 10.98
CA ALA B 203 -0.02 1.75 11.61
C ALA B 203 -0.27 0.30 12.02
N ARG B 204 -1.43 0.02 12.61
CA ARG B 204 -1.70 -1.34 13.05
C ARG B 204 -2.02 -2.26 11.89
N LEU B 205 -2.65 -1.74 10.83
CA LEU B 205 -2.86 -2.56 9.63
C LEU B 205 -1.52 -2.92 8.98
N LEU B 206 -0.55 -2.02 9.05
CA LEU B 206 0.78 -2.32 8.52
C LEU B 206 1.49 -3.35 9.39
N ALA B 207 1.34 -3.23 10.72
CA ALA B 207 1.85 -4.29 11.60
C ALA B 207 1.19 -5.62 11.28
N MET B 208 -0.15 -5.64 11.14
CA MET B 208 -0.84 -6.89 10.84
C MET B 208 -0.33 -7.51 9.54
N GLY B 209 -0.14 -6.71 8.50
CA GLY B 209 0.38 -7.27 7.24
C GLY B 209 1.78 -7.81 7.40
N ARG B 210 2.61 -7.13 8.19
CA ARG B 210 3.99 -7.54 8.35
C ARG B 210 4.10 -8.86 9.11
N TYR B 211 3.31 -9.04 10.18
CA TYR B 211 3.35 -10.30 10.92
C TYR B 211 2.73 -11.43 10.11
N ALA B 212 1.65 -11.14 9.37
CA ALA B 212 1.07 -12.18 8.52
C ALA B 212 2.12 -12.76 7.57
N ARG B 213 2.98 -11.90 7.01
CA ARG B 213 3.99 -12.40 6.10
C ARG B 213 5.07 -13.18 6.86
N PHE B 214 5.50 -12.68 8.02
CA PHE B 214 6.38 -13.46 8.92
C PHE B 214 5.91 -14.90 9.10
N LEU B 215 4.61 -15.06 9.39
CA LEU B 215 4.04 -16.35 9.78
C LEU B 215 3.62 -17.20 8.59
N ALA B 216 3.71 -16.67 7.39
CA ALA B 216 3.53 -17.48 6.19
C ALA B 216 4.81 -18.13 5.75
N GLY B 217 5.95 -17.57 6.15
CA GLY B 217 7.23 -18.03 5.70
C GLY B 217 7.55 -19.41 6.21
N PRO B 218 8.67 -19.97 5.74
CA PRO B 218 9.13 -21.27 6.25
C PRO B 218 9.77 -21.11 7.62
N ARG B 219 9.28 -21.89 8.58
CA ARG B 219 9.84 -21.87 9.94
C ARG B 219 9.85 -23.30 10.47
N PRO B 220 10.95 -24.02 10.23
CA PRO B 220 10.93 -25.48 10.44
C PRO B 220 11.00 -25.92 11.91
N GLY B 221 11.55 -25.10 12.80
CA GLY B 221 11.71 -25.55 14.18
C GLY B 221 10.39 -25.92 14.82
N ARG B 222 10.40 -27.04 15.54
CA ARG B 222 9.28 -27.50 16.35
C ARG B 222 9.69 -27.45 17.82
N SER B 223 8.86 -26.80 18.64
CA SER B 223 9.10 -26.80 20.07
C SER B 223 8.97 -28.20 20.64
N SER B 224 9.70 -28.47 21.71
CA SER B 224 9.62 -29.76 22.38
C SER B 224 8.47 -29.82 23.39
N ALA B 225 7.87 -28.69 23.74
CA ALA B 225 6.85 -28.67 24.76
C ALA B 225 5.59 -29.35 24.25
N PRO B 226 4.84 -30.03 25.11
CA PRO B 226 3.60 -30.69 24.65
C PRO B 226 2.55 -29.66 24.22
N VAL B 227 1.76 -30.04 23.23
CA VAL B 227 0.80 -29.14 22.59
C VAL B 227 -0.60 -29.61 22.90
N LEU B 228 -1.45 -28.68 23.34
CA LEU B 228 -2.88 -28.88 23.39
C LEU B 228 -3.49 -28.19 22.17
N LEU B 229 -4.20 -28.95 21.34
CA LEU B 229 -4.84 -28.43 20.14
C LEU B 229 -6.33 -28.29 20.40
N VAL B 230 -6.82 -27.06 20.43
CA VAL B 230 -8.23 -26.76 20.66
C VAL B 230 -8.84 -26.37 19.33
N ARG B 231 -9.95 -27.01 18.96
CA ARG B 231 -10.52 -26.85 17.63
C ARG B 231 -11.99 -26.44 17.72
N ALA B 232 -12.36 -25.46 16.91
CA ALA B 232 -13.76 -25.12 16.70
C ALA B 232 -14.55 -26.31 16.15
N SER B 233 -15.85 -26.32 16.40
CA SER B 233 -16.73 -27.39 15.93
C SER B 233 -17.68 -26.98 14.81
N GLU B 234 -17.94 -25.69 14.62
CA GLU B 234 -18.75 -25.22 13.52
C GLU B 234 -17.88 -24.49 12.50
N PRO B 235 -18.13 -24.68 11.21
CA PRO B 235 -17.32 -23.99 10.20
C PRO B 235 -17.64 -22.50 10.18
N LEU B 236 -16.61 -21.70 9.89
CA LEU B 236 -16.82 -20.26 9.86
C LEU B 236 -17.72 -19.84 8.70
N GLY B 237 -17.58 -20.48 7.54
CA GLY B 237 -18.49 -20.20 6.45
C GLY B 237 -18.99 -21.46 5.76
N ASP B 238 -19.40 -21.35 4.50
CA ASP B 238 -19.81 -22.52 3.75
C ASP B 238 -18.59 -23.39 3.42
N TRP B 239 -18.84 -24.69 3.23
CA TRP B 239 -17.76 -25.62 2.97
C TRP B 239 -18.32 -26.85 2.29
N GLN B 240 -17.68 -27.27 1.22
CA GLN B 240 -18.09 -28.46 0.48
C GLN B 240 -17.38 -29.67 1.07
N GLU B 241 -18.16 -30.55 1.67
CA GLU B 241 -17.78 -31.88 2.15
C GLU B 241 -16.68 -32.50 1.31
N GLU B 242 -16.82 -32.46 -0.02
CA GLU B 242 -15.83 -33.05 -0.92
C GLU B 242 -14.46 -32.38 -0.84
N ARG B 243 -14.33 -31.23 -0.19
CA ARG B 243 -13.03 -30.60 -0.06
C ARG B 243 -12.23 -31.13 1.13
N GLY B 244 -12.81 -32.03 1.91
CA GLY B 244 -12.11 -32.58 3.05
C GLY B 244 -12.46 -31.89 4.34
N ASP B 245 -11.54 -32.03 5.29
CA ASP B 245 -11.72 -31.49 6.63
C ASP B 245 -11.34 -30.01 6.63
N TRP B 246 -12.25 -29.17 7.13
CA TRP B 246 -11.98 -27.73 7.27
C TRP B 246 -11.32 -27.37 8.60
N ARG B 247 -11.13 -28.32 9.51
CA ARG B 247 -10.78 -27.97 10.87
C ARG B 247 -9.33 -27.53 10.99
N ALA B 248 -9.07 -26.73 12.02
CA ALA B 248 -7.73 -26.38 12.46
C ALA B 248 -6.85 -27.62 12.57
N HIS B 249 -5.53 -27.45 12.50
CA HIS B 249 -4.65 -28.58 12.46
C HIS B 249 -3.32 -28.29 13.15
N TRP B 250 -2.75 -29.31 13.79
CA TRP B 250 -1.37 -29.26 14.25
C TRP B 250 -0.77 -30.66 14.15
N ASP B 251 0.53 -30.71 13.89
CA ASP B 251 1.24 -31.98 13.74
C ASP B 251 1.56 -32.58 15.10
N LEU B 252 1.07 -33.79 15.34
CA LEU B 252 1.40 -34.57 16.53
C LEU B 252 1.12 -33.82 17.83
N PRO B 253 -0.13 -33.45 18.09
CA PRO B 253 -0.44 -32.79 19.35
C PRO B 253 -0.46 -33.78 20.50
N HIS B 254 -0.08 -33.30 21.67
CA HIS B 254 -0.20 -34.10 22.89
C HIS B 254 -1.66 -34.44 23.17
N THR B 255 -2.55 -33.45 23.09
CA THR B 255 -3.97 -33.65 23.34
C THR B 255 -4.76 -32.81 22.35
N VAL B 256 -5.95 -33.29 21.99
CA VAL B 256 -6.86 -32.59 21.10
C VAL B 256 -8.17 -32.40 21.86
N ALA B 257 -8.74 -31.20 21.75
CA ALA B 257 -10.01 -30.90 22.39
C ALA B 257 -10.91 -30.14 21.40
N ASP B 258 -12.16 -30.55 21.32
CA ASP B 258 -13.12 -29.91 20.45
C ASP B 258 -14.12 -29.14 21.32
N VAL B 259 -14.38 -27.89 20.96
CA VAL B 259 -15.24 -27.02 21.75
C VAL B 259 -16.34 -26.51 20.84
N PRO B 260 -17.46 -26.10 21.40
CA PRO B 260 -18.53 -25.52 20.57
C PRO B 260 -18.08 -24.20 19.94
N GLY B 261 -18.83 -23.77 18.92
CA GLY B 261 -18.61 -22.49 18.29
C GLY B 261 -17.74 -22.56 17.04
N ASP B 262 -17.63 -21.43 16.35
CA ASP B 262 -16.78 -21.38 15.18
C ASP B 262 -15.43 -20.72 15.52
N HIS B 263 -14.63 -20.50 14.49
CA HIS B 263 -13.32 -19.85 14.62
C HIS B 263 -13.37 -18.62 15.53
N PHE B 264 -14.43 -17.82 15.43
CA PHE B 264 -14.56 -16.61 16.26
C PHE B 264 -15.32 -16.87 17.56
N THR B 265 -16.49 -17.49 17.49
CA THR B 265 -17.30 -17.61 18.70
C THR B 265 -16.74 -18.60 19.71
N MET B 266 -15.76 -19.43 19.35
CA MET B 266 -15.14 -20.29 20.34
C MET B 266 -14.41 -19.49 21.43
N MET B 267 -13.98 -18.26 21.14
CA MET B 267 -13.29 -17.43 22.11
C MET B 267 -14.20 -16.37 22.71
N ARG B 268 -15.47 -16.39 22.39
CA ARG B 268 -16.41 -15.43 22.94
C ARG B 268 -17.48 -16.12 23.76
N ASP B 269 -18.60 -16.42 23.14
CA ASP B 269 -19.70 -17.05 23.85
C ASP B 269 -19.30 -18.41 24.43
N HIS B 270 -18.33 -19.10 23.84
CA HIS B 270 -17.94 -20.44 24.31
C HIS B 270 -16.53 -20.46 24.89
N ALA B 271 -15.99 -19.30 25.27
CA ALA B 271 -14.68 -19.29 25.90
C ALA B 271 -14.59 -20.17 27.16
N PRO B 272 -15.64 -20.31 28.01
CA PRO B 272 -15.54 -21.25 29.14
C PRO B 272 -15.22 -22.67 28.73
N ALA B 273 -15.73 -23.14 27.58
CA ALA B 273 -15.38 -24.49 27.14
C ALA B 273 -13.90 -24.59 26.81
N VAL B 274 -13.32 -23.51 26.26
CA VAL B 274 -11.88 -23.51 25.99
C VAL B 274 -11.10 -23.56 27.30
N ALA B 275 -11.52 -22.75 28.27
CA ALA B 275 -10.83 -22.71 29.55
C ALA B 275 -10.82 -24.07 30.23
N GLU B 276 -11.95 -24.79 30.18
CA GLU B 276 -12.04 -26.08 30.87
C GLU B 276 -11.14 -27.12 30.24
N ALA B 277 -11.10 -27.17 28.90
CA ALA B 277 -10.12 -27.99 28.20
C ALA B 277 -8.70 -27.68 28.67
N VAL B 278 -8.37 -26.40 28.81
CA VAL B 278 -7.03 -26.01 29.25
C VAL B 278 -6.77 -26.47 30.68
N LEU B 279 -7.71 -26.19 31.58
CA LEU B 279 -7.48 -26.49 32.99
C LEU B 279 -7.27 -27.98 33.21
N SER B 280 -8.11 -28.83 32.58
CA SER B 280 -7.93 -30.27 32.69
C SER B 280 -6.57 -30.71 32.16
N TRP B 281 -6.18 -30.18 31.01
CA TRP B 281 -4.88 -30.51 30.42
C TRP B 281 -3.72 -30.14 31.34
N LEU B 282 -3.77 -28.93 31.92
CA LEU B 282 -2.67 -28.48 32.79
C LEU B 282 -2.49 -29.39 33.99
N ASP B 283 -3.60 -29.81 34.61
CA ASP B 283 -3.51 -30.71 35.75
C ASP B 283 -2.92 -32.06 35.35
N ALA B 284 -3.37 -32.61 34.21
CA ALA B 284 -2.83 -33.88 33.73
C ALA B 284 -1.32 -33.79 33.53
N ILE B 285 -0.84 -32.75 32.84
CA ILE B 285 0.57 -32.71 32.48
C ILE B 285 1.46 -32.25 33.61
N GLU B 286 0.90 -31.91 34.78
CA GLU B 286 1.73 -31.73 35.97
C GLU B 286 1.15 -32.51 37.14
#